data_6UFL
#
_entry.id   6UFL
#
_cell.length_a   38.096
_cell.length_b   77.757
_cell.length_c   46.481
_cell.angle_alpha   90.00
_cell.angle_beta   101.99
_cell.angle_gamma   90.00
#
_symmetry.space_group_name_H-M   'P 1 21 1'
#
loop_
_entity.id
_entity.type
_entity.pdbx_description
1 polymer 'Glyco_hydro_cc domain-containing protein'
2 branched beta-D-glucopyranose-(1-3)-beta-D-glucopyranose-(1-3)-beta-D-glucopyranose-(1-3)-beta-D-glucopyranose-(1-3)-beta-D-glucopyranose-(1-3)-beta-D-glucopyranose
3 water water
#
_entity_poly.entity_id   1
_entity_poly.type   'polypeptide(L)'
_entity_poly.pdbx_seq_one_letter_code
;MGSSHHHHHHSSGLVPAGSHMAGTKKGVSAAAFSGVTAALGDVGARWFYTWAADPQGITAPAGTEFVPMIWGRDSVTADQ
LQRAKAAGSTLLAFNEPDLAGQANMSVETALDLWPQLQATGMRLGAPAVAYGGDTPGGWLDRFMSGAAARGYRVDFIPLH
WYGGDFSAAATGQLQSYLQAVYNRYHRPIWLTQYALTDFSGSTPRYPSAAEQADFVSRSTAMLNGLSFVERYAWFSLSTS
TTPTGLYTGTTPNSSGVAYRAAG
;
_entity_poly.pdbx_strand_id   A
#
loop_
_chem_comp.id
_chem_comp.type
_chem_comp.name
_chem_comp.formula
BGC D-saccharide, beta linking beta-D-glucopyranose 'C6 H12 O6'
#
# COMPACT_ATOMS: atom_id res chain seq x y z
N GLY A 23 0.84 -4.81 16.60
CA GLY A 23 2.09 -5.58 16.54
C GLY A 23 3.03 -4.94 15.55
N THR A 24 3.17 -5.54 14.40
CA THR A 24 4.11 -5.07 13.35
C THR A 24 3.31 -4.68 12.09
N LYS A 25 2.00 -4.44 12.20
CA LYS A 25 1.21 -4.18 10.98
C LYS A 25 1.46 -2.73 10.44
N LYS A 26 1.47 -1.77 11.34
CA LYS A 26 1.35 -0.34 11.00
C LYS A 26 2.60 0.21 10.29
N GLY A 27 2.43 0.54 9.01
CA GLY A 27 3.50 1.17 8.23
C GLY A 27 3.05 2.45 7.56
N VAL A 28 3.88 2.95 6.62
CA VAL A 28 3.45 4.15 5.86
C VAL A 28 4.24 4.15 4.55
N SER A 29 3.67 4.83 3.58
CA SER A 29 4.41 5.29 2.39
C SER A 29 5.10 6.60 2.74
N ALA A 30 6.31 6.77 2.26
CA ALA A 30 7.15 7.97 2.56
C ALA A 30 8.02 8.40 1.36
N ALA A 31 8.45 9.67 1.38
CA ALA A 31 9.39 10.34 0.45
C ALA A 31 10.33 11.20 1.28
N ALA A 32 11.57 11.40 0.80
CA ALA A 32 12.69 12.06 1.54
C ALA A 32 12.53 13.57 1.71
N PHE A 33 11.54 13.99 2.45
CA PHE A 33 11.37 15.39 2.93
C PHE A 33 12.30 15.61 4.13
N SER A 34 12.60 16.87 4.41
CA SER A 34 13.39 17.19 5.62
C SER A 34 12.51 16.83 6.82
N GLY A 35 12.98 16.03 7.76
CA GLY A 35 12.07 15.61 8.84
C GLY A 35 11.60 14.18 8.70
N VAL A 36 11.79 13.52 7.54
CA VAL A 36 11.27 12.13 7.30
C VAL A 36 11.71 11.14 8.38
N THR A 37 12.99 11.14 8.76
CA THR A 37 13.47 10.15 9.73
C THR A 37 12.74 10.39 11.06
N ALA A 38 12.62 11.63 11.42
CA ALA A 38 11.96 12.00 12.70
C ALA A 38 10.46 11.65 12.62
N ALA A 39 9.80 11.86 11.48
CA ALA A 39 8.34 11.62 11.37
C ALA A 39 8.12 10.11 11.49
N LEU A 40 8.91 9.32 10.76
CA LEU A 40 8.78 7.84 10.75
C LEU A 40 8.89 7.34 12.18
N GLY A 41 9.89 7.83 12.92
CA GLY A 41 10.08 7.41 14.30
C GLY A 41 8.94 7.88 15.20
N ASP A 42 8.55 9.12 15.04
CA ASP A 42 7.46 9.75 15.85
C ASP A 42 6.21 8.87 15.73
N VAL A 43 5.83 8.54 14.48
CA VAL A 43 4.50 7.88 14.26
C VAL A 43 4.54 6.38 14.60
N GLY A 44 5.72 5.79 14.85
CA GLY A 44 5.73 4.39 15.27
C GLY A 44 5.60 3.47 14.05
N ALA A 45 6.00 3.92 12.87
CA ALA A 45 5.94 3.09 11.64
C ALA A 45 6.84 1.88 11.83
N ARG A 46 6.33 0.66 11.76
CA ARG A 46 7.18 -0.54 11.86
C ARG A 46 7.78 -0.86 10.50
N TRP A 47 7.18 -0.38 9.45
CA TRP A 47 7.72 -0.60 8.07
C TRP A 47 7.39 0.61 7.20
N PHE A 48 8.06 0.73 6.05
CA PHE A 48 7.68 1.80 5.14
C PHE A 48 8.07 1.36 3.75
N TYR A 49 7.50 2.04 2.80
CA TYR A 49 7.94 1.87 1.40
C TYR A 49 7.89 3.21 0.69
N THR A 50 8.50 3.27 -0.50
CA THR A 50 8.78 4.54 -1.24
C THR A 50 8.34 4.52 -2.71
N TRP A 51 7.73 3.44 -3.12
CA TRP A 51 7.28 3.14 -4.51
C TRP A 51 8.52 2.89 -5.35
N ALA A 52 9.69 2.75 -4.77
CA ALA A 52 10.93 2.37 -5.49
C ALA A 52 11.65 1.17 -4.84
N ALA A 53 12.72 0.76 -5.51
CA ALA A 53 13.52 -0.42 -5.16
C ALA A 53 14.45 -0.11 -3.98
N ASP A 54 14.70 1.17 -3.66
CA ASP A 54 15.46 1.48 -2.43
C ASP A 54 14.83 2.64 -1.71
N PRO A 55 15.28 2.96 -0.51
CA PRO A 55 14.62 4.00 0.26
C PRO A 55 14.70 5.45 -0.26
N GLN A 56 15.24 5.70 -1.45
CA GLN A 56 15.14 7.06 -2.06
C GLN A 56 15.65 8.13 -1.09
N GLY A 57 16.82 7.94 -0.49
CA GLY A 57 17.44 9.01 0.32
C GLY A 57 16.91 9.03 1.76
N ILE A 58 15.96 8.17 2.10
CA ILE A 58 15.45 8.10 3.50
C ILE A 58 16.39 7.27 4.34
N THR A 59 16.75 7.81 5.50
CA THR A 59 17.40 7.05 6.57
C THR A 59 16.28 6.62 7.52
N ALA A 60 16.08 5.31 7.60
CA ALA A 60 15.08 4.67 8.48
C ALA A 60 15.55 4.82 9.92
N PRO A 61 14.62 5.03 10.85
CA PRO A 61 14.91 4.82 12.25
C PRO A 61 15.11 3.35 12.61
N ALA A 62 15.72 3.11 13.77
CA ALA A 62 15.88 1.72 14.27
C ALA A 62 14.49 1.10 14.43
N GLY A 63 14.28 -0.13 13.95
CA GLY A 63 13.01 -0.88 14.12
C GLY A 63 12.02 -0.64 12.97
N THR A 64 12.44 0.08 11.95
CA THR A 64 11.55 0.36 10.80
C THR A 64 12.11 -0.31 9.54
N GLU A 65 11.34 -1.24 9.01
CA GLU A 65 11.73 -2.09 7.85
C GLU A 65 11.33 -1.37 6.57
N PHE A 66 12.29 -1.23 5.66
CA PHE A 66 12.06 -0.80 4.26
C PHE A 66 11.54 -1.98 3.45
N VAL A 67 10.43 -1.78 2.69
CA VAL A 67 9.90 -2.79 1.75
C VAL A 67 10.07 -2.24 0.32
N PRO A 68 11.00 -2.79 -0.50
CA PRO A 68 11.11 -2.34 -1.90
C PRO A 68 9.89 -2.64 -2.77
N MET A 69 9.75 -1.83 -3.83
CA MET A 69 8.76 -1.99 -4.91
C MET A 69 9.43 -1.95 -6.27
N ILE A 70 9.00 -2.86 -7.16
CA ILE A 70 9.19 -2.83 -8.63
C ILE A 70 7.92 -2.19 -9.20
N TRP A 71 7.99 -0.92 -9.58
CA TRP A 71 6.79 -0.07 -9.81
C TRP A 71 6.08 -0.42 -11.11
N GLY A 72 6.82 -0.75 -12.14
CA GLY A 72 6.22 -0.92 -13.49
C GLY A 72 7.11 -1.71 -14.41
N ARG A 73 6.74 -1.82 -15.69
CA ARG A 73 7.45 -2.65 -16.69
C ARG A 73 8.95 -2.29 -16.76
N ASP A 74 9.26 -1.00 -16.78
CA ASP A 74 10.65 -0.55 -17.03
C ASP A 74 11.43 -0.62 -15.70
N SER A 75 10.76 -0.96 -14.60
CA SER A 75 11.43 -1.15 -13.29
C SER A 75 12.10 -2.53 -13.24
N VAL A 76 11.77 -3.42 -14.16
CA VAL A 76 12.21 -4.84 -14.08
C VAL A 76 13.55 -4.94 -14.81
N THR A 77 14.62 -4.77 -14.06
CA THR A 77 16.01 -4.87 -14.55
C THR A 77 16.80 -5.65 -13.51
N ALA A 78 17.91 -6.26 -13.91
CA ALA A 78 18.86 -6.94 -13.02
C ALA A 78 19.21 -5.96 -11.91
N ASP A 79 19.47 -4.71 -12.28
CA ASP A 79 19.97 -3.68 -11.34
C ASP A 79 18.90 -3.43 -10.27
N GLN A 80 17.64 -3.15 -10.67
CA GLN A 80 16.59 -2.77 -9.69
C GLN A 80 16.34 -3.99 -8.79
N LEU A 81 16.36 -5.20 -9.34
CA LEU A 81 16.01 -6.42 -8.58
C LEU A 81 17.11 -6.72 -7.56
N GLN A 82 18.39 -6.53 -7.95
CA GLN A 82 19.57 -6.69 -7.06
C GLN A 82 19.49 -5.63 -5.96
N ARG A 83 19.14 -4.38 -6.33
CA ARG A 83 19.06 -3.27 -5.35
C ARG A 83 17.94 -3.64 -4.36
N ALA A 84 16.77 -4.04 -4.86
CA ALA A 84 15.60 -4.44 -4.03
C ALA A 84 16.03 -5.49 -2.98
N LYS A 85 16.71 -6.53 -3.43
CA LYS A 85 17.09 -7.65 -2.55
C LYS A 85 18.13 -7.22 -1.53
N ALA A 86 19.02 -6.26 -1.89
CA ALA A 86 19.96 -5.70 -0.93
C ALA A 86 19.25 -4.82 0.11
N ALA A 87 18.15 -4.14 -0.24
CA ALA A 87 17.49 -3.12 0.62
C ALA A 87 16.41 -3.71 1.54
N GLY A 88 15.96 -4.93 1.25
CA GLY A 88 14.87 -5.49 2.04
C GLY A 88 14.70 -6.97 1.82
N SER A 89 13.65 -7.54 2.41
CA SER A 89 13.45 -9.01 2.24
C SER A 89 12.04 -9.32 1.71
N THR A 90 11.14 -8.34 1.62
CA THR A 90 9.79 -8.48 1.00
C THR A 90 9.68 -7.55 -0.21
N LEU A 91 9.11 -8.03 -1.34
CA LEU A 91 9.11 -7.28 -2.60
C LEU A 91 7.66 -7.00 -3.02
N LEU A 92 7.31 -5.73 -3.24
CA LEU A 92 5.97 -5.36 -3.80
C LEU A 92 6.14 -5.26 -5.29
N ALA A 93 5.17 -5.79 -6.00
CA ALA A 93 5.17 -5.72 -7.49
C ALA A 93 4.38 -4.47 -7.94
N PHE A 94 3.95 -4.43 -9.19
CA PHE A 94 3.64 -3.17 -9.91
C PHE A 94 2.50 -2.36 -9.27
N ASN A 95 2.64 -1.04 -9.36
CA ASN A 95 1.67 -0.11 -8.73
C ASN A 95 0.55 0.18 -9.76
N GLU A 96 -0.64 -0.32 -9.52
CA GLU A 96 -1.89 -0.01 -10.25
C GLU A 96 -1.67 -0.24 -11.75
N PRO A 97 -1.30 -1.45 -12.13
CA PRO A 97 -1.17 -1.78 -13.58
C PRO A 97 -2.48 -1.53 -14.33
N ASP A 98 -3.61 -1.60 -13.63
CA ASP A 98 -5.01 -1.46 -14.15
C ASP A 98 -5.35 -0.01 -14.49
N LEU A 99 -4.52 0.97 -14.14
CA LEU A 99 -4.77 2.40 -14.46
C LEU A 99 -3.78 2.90 -15.51
N ALA A 100 -4.30 3.63 -16.48
CA ALA A 100 -3.46 4.16 -17.57
C ALA A 100 -2.45 5.20 -17.04
N GLY A 101 -2.75 5.81 -15.87
CA GLY A 101 -1.93 6.88 -15.29
C GLY A 101 -0.86 6.36 -14.37
N GLN A 102 -0.86 5.04 -14.09
CA GLN A 102 0.15 4.37 -13.22
C GLN A 102 0.87 3.31 -14.05
N ALA A 103 1.00 2.07 -13.57
CA ALA A 103 1.89 1.11 -14.23
C ALA A 103 1.32 0.81 -15.61
N ASN A 104 0.01 0.89 -15.84
CA ASN A 104 -0.54 0.78 -17.23
C ASN A 104 0.00 -0.45 -17.92
N MET A 105 -0.31 -1.63 -17.37
CA MET A 105 0.22 -2.93 -17.85
C MET A 105 -0.92 -3.94 -17.95
N SER A 106 -0.95 -4.70 -19.04
CA SER A 106 -1.87 -5.81 -19.16
C SER A 106 -1.47 -6.91 -18.19
N VAL A 107 -2.43 -7.76 -17.83
CA VAL A 107 -2.16 -8.97 -17.00
C VAL A 107 -1.08 -9.79 -17.71
N GLU A 108 -1.24 -10.02 -18.99
CA GLU A 108 -0.26 -10.89 -19.66
C GLU A 108 1.19 -10.35 -19.57
N THR A 109 1.39 -9.04 -19.70
CA THR A 109 2.73 -8.42 -19.55
C THR A 109 3.25 -8.62 -18.11
N ALA A 110 2.37 -8.44 -17.15
CA ALA A 110 2.73 -8.62 -15.71
C ALA A 110 3.18 -10.08 -15.50
N LEU A 111 2.40 -11.02 -16.00
CA LEU A 111 2.74 -12.48 -15.90
C LEU A 111 4.07 -12.74 -16.60
N ASP A 112 4.29 -12.22 -17.81
CA ASP A 112 5.55 -12.57 -18.51
C ASP A 112 6.79 -12.03 -17.76
N LEU A 113 6.63 -10.95 -16.97
CA LEU A 113 7.74 -10.34 -16.22
C LEU A 113 7.88 -11.03 -14.86
N TRP A 114 6.86 -11.73 -14.41
CA TRP A 114 6.78 -12.26 -13.03
C TRP A 114 7.98 -13.16 -12.73
N PRO A 115 8.49 -14.04 -13.65
CA PRO A 115 9.62 -14.90 -13.26
C PRO A 115 10.86 -14.15 -12.73
N GLN A 116 11.12 -12.92 -13.20
CA GLN A 116 12.29 -12.10 -12.81
C GLN A 116 12.13 -11.61 -11.38
N LEU A 117 10.89 -11.29 -11.00
CA LEU A 117 10.62 -10.92 -9.56
C LEU A 117 10.68 -12.14 -8.68
N GLN A 118 10.15 -13.27 -9.19
CA GLN A 118 10.04 -14.52 -8.41
C GLN A 118 11.46 -15.06 -8.15
N ALA A 119 12.35 -14.88 -9.11
CA ALA A 119 13.73 -15.42 -9.07
C ALA A 119 14.58 -14.70 -8.01
N THR A 120 14.14 -13.59 -7.45
CA THR A 120 14.80 -12.95 -6.28
C THR A 120 14.68 -13.83 -5.05
N GLY A 121 13.64 -14.66 -4.96
CA GLY A 121 13.39 -15.49 -3.78
C GLY A 121 12.72 -14.79 -2.62
N MET A 122 12.47 -13.50 -2.79
CA MET A 122 11.87 -12.68 -1.71
C MET A 122 10.37 -13.01 -1.60
N ARG A 123 9.82 -12.83 -0.40
CA ARG A 123 8.35 -12.84 -0.20
C ARG A 123 7.77 -11.78 -1.11
N LEU A 124 6.79 -12.19 -1.90
CA LEU A 124 6.40 -11.48 -3.13
C LEU A 124 4.92 -11.13 -3.10
N GLY A 125 4.66 -9.82 -3.19
CA GLY A 125 3.30 -9.27 -3.34
C GLY A 125 2.88 -9.19 -4.77
N ALA A 126 1.62 -9.49 -5.02
CA ALA A 126 0.93 -9.22 -6.28
C ALA A 126 1.07 -7.76 -6.60
N PRO A 127 0.90 -7.44 -7.90
CA PRO A 127 0.70 -6.06 -8.27
C PRO A 127 -0.49 -5.55 -7.48
N ALA A 128 -0.43 -4.27 -7.08
CA ALA A 128 -1.49 -3.62 -6.32
C ALA A 128 -2.50 -2.96 -7.31
N VAL A 129 -3.68 -3.54 -7.48
CA VAL A 129 -4.72 -2.95 -8.37
C VAL A 129 -5.38 -1.75 -7.68
N ALA A 130 -5.72 -0.73 -8.46
CA ALA A 130 -6.43 0.43 -7.90
C ALA A 130 -7.79 0.03 -7.33
N TYR A 131 -8.50 -0.91 -7.93
CA TYR A 131 -9.92 -1.22 -7.53
C TYR A 131 -10.24 -2.59 -8.12
N GLY A 132 -11.39 -3.09 -7.68
CA GLY A 132 -12.01 -4.27 -8.35
C GLY A 132 -11.19 -5.53 -8.15
N GLY A 133 -10.44 -5.61 -7.05
CA GLY A 133 -9.66 -6.83 -6.82
C GLY A 133 -10.51 -8.06 -6.63
N ASP A 134 -11.79 -7.92 -6.24
CA ASP A 134 -12.72 -9.05 -6.02
C ASP A 134 -13.60 -9.35 -7.26
N THR A 135 -13.41 -8.60 -8.34
CA THR A 135 -14.33 -8.66 -9.50
C THR A 135 -13.94 -9.84 -10.40
N PRO A 136 -14.80 -10.83 -10.61
CA PRO A 136 -14.48 -11.89 -11.56
C PRO A 136 -14.21 -11.25 -12.92
N GLY A 137 -13.14 -11.70 -13.54
CA GLY A 137 -12.64 -11.26 -14.84
C GLY A 137 -11.91 -9.95 -14.79
N GLY A 138 -11.77 -9.36 -13.57
CA GLY A 138 -11.00 -8.13 -13.41
C GLY A 138 -9.51 -8.36 -13.42
N TRP A 139 -8.73 -7.29 -13.35
CA TRP A 139 -7.24 -7.36 -13.50
C TRP A 139 -6.66 -8.35 -12.51
N LEU A 140 -6.87 -8.16 -11.21
CA LEU A 140 -6.29 -9.11 -10.25
C LEU A 140 -6.75 -10.55 -10.52
N ASP A 141 -8.03 -10.75 -10.80
CA ASP A 141 -8.62 -12.10 -10.86
C ASP A 141 -7.94 -12.81 -12.03
N ARG A 142 -7.67 -12.10 -13.11
CA ARG A 142 -7.03 -12.69 -14.32
C ARG A 142 -5.56 -12.91 -14.06
N PHE A 143 -4.94 -11.99 -13.32
CA PHE A 143 -3.53 -12.15 -12.87
C PHE A 143 -3.42 -13.38 -11.95
N MET A 144 -4.30 -13.54 -10.97
CA MET A 144 -4.16 -14.66 -10.00
C MET A 144 -4.42 -15.98 -10.74
N SER A 145 -5.38 -16.01 -11.66
CA SER A 145 -5.76 -17.22 -12.42
C SER A 145 -4.60 -17.59 -13.29
N GLY A 146 -4.02 -16.61 -14.00
CA GLY A 146 -2.87 -16.86 -14.92
C GLY A 146 -1.69 -17.35 -14.13
N ALA A 147 -1.51 -16.80 -12.92
CA ALA A 147 -0.31 -17.17 -12.13
C ALA A 147 -0.49 -18.61 -11.69
N ALA A 148 -1.71 -18.97 -11.28
CA ALA A 148 -1.95 -20.34 -10.77
C ALA A 148 -1.70 -21.28 -11.95
N ALA A 149 -2.23 -20.97 -13.13
CA ALA A 149 -2.07 -21.87 -14.29
C ALA A 149 -0.61 -21.98 -14.69
N ARG A 150 0.21 -20.98 -14.48
CA ARG A 150 1.65 -21.04 -14.83
C ARG A 150 2.51 -21.66 -13.72
N GLY A 151 1.94 -21.82 -12.52
CA GLY A 151 2.62 -22.42 -11.37
C GLY A 151 3.50 -21.41 -10.69
N TYR A 152 3.11 -20.14 -10.77
CA TYR A 152 3.86 -19.03 -10.18
C TYR A 152 3.46 -18.87 -8.70
N ARG A 153 4.35 -18.21 -8.01
CA ARG A 153 4.21 -17.89 -6.57
C ARG A 153 3.82 -16.43 -6.38
N VAL A 154 2.71 -16.28 -5.65
CA VAL A 154 2.18 -14.97 -5.22
C VAL A 154 1.93 -15.13 -3.72
N ASP A 155 2.74 -14.54 -2.88
CA ASP A 155 2.74 -14.77 -1.41
C ASP A 155 1.65 -13.96 -0.75
N PHE A 156 1.40 -12.77 -1.22
CA PHE A 156 0.39 -11.91 -0.56
C PHE A 156 -0.17 -10.96 -1.62
N ILE A 157 -1.29 -10.36 -1.26
CA ILE A 157 -1.98 -9.38 -2.14
C ILE A 157 -2.06 -8.04 -1.44
N PRO A 158 -1.30 -7.05 -1.94
CA PRO A 158 -1.54 -5.69 -1.54
C PRO A 158 -2.74 -5.08 -2.28
N LEU A 159 -3.47 -4.25 -1.57
CA LEU A 159 -4.65 -3.57 -2.08
C LEU A 159 -4.49 -2.09 -1.85
N HIS A 160 -5.27 -1.37 -2.60
CA HIS A 160 -5.47 0.08 -2.47
C HIS A 160 -6.95 0.37 -2.29
N TRP A 161 -7.25 1.33 -1.44
CA TRP A 161 -8.66 1.71 -1.27
C TRP A 161 -8.75 3.17 -0.87
N TYR A 162 -9.61 3.93 -1.55
CA TYR A 162 -9.90 5.35 -1.20
C TYR A 162 -11.42 5.44 -1.03
N GLY A 163 -11.89 5.75 0.18
CA GLY A 163 -13.33 5.80 0.43
C GLY A 163 -13.89 7.16 0.07
N GLY A 164 -15.08 7.18 -0.57
CA GLY A 164 -15.85 8.39 -0.91
C GLY A 164 -16.93 8.74 0.10
N ASP A 165 -17.27 7.83 0.99
CA ASP A 165 -18.23 8.05 2.08
C ASP A 165 -17.43 8.39 3.32
N PHE A 166 -17.55 9.61 3.81
CA PHE A 166 -16.69 10.16 4.87
C PHE A 166 -17.34 9.92 6.21
N SER A 167 -18.37 9.12 6.29
CA SER A 167 -19.05 8.82 7.58
C SER A 167 -18.36 7.67 8.35
N ALA A 168 -18.87 7.40 9.55
CA ALA A 168 -18.48 6.29 10.43
C ALA A 168 -18.65 4.93 9.74
N ALA A 169 -19.42 4.89 8.65
CA ALA A 169 -19.63 3.67 7.83
C ALA A 169 -18.38 3.33 7.01
N ALA A 170 -17.43 4.25 6.79
CA ALA A 170 -16.25 4.03 5.92
C ALA A 170 -15.46 2.78 6.33
N THR A 171 -15.19 2.58 7.61
CA THR A 171 -14.35 1.43 8.05
C THR A 171 -14.97 0.08 7.64
N GLY A 172 -16.30 -0.08 7.77
CA GLY A 172 -16.98 -1.35 7.45
C GLY A 172 -16.90 -1.53 5.90
N GLN A 173 -16.94 -0.47 5.13
CA GLN A 173 -16.83 -0.59 3.63
C GLN A 173 -15.42 -1.08 3.30
N LEU A 174 -14.40 -0.47 3.90
CA LEU A 174 -13.02 -0.92 3.68
C LEU A 174 -12.94 -2.40 4.06
N GLN A 175 -13.43 -2.73 5.26
CA GLN A 175 -13.38 -4.13 5.74
C GLN A 175 -14.00 -5.11 4.73
N SER A 176 -15.15 -4.76 4.15
N SER A 176 -15.16 -4.75 4.16
CA SER A 176 -15.87 -5.63 3.19
CA SER A 176 -15.88 -5.60 3.17
C SER A 176 -15.01 -5.86 1.93
C SER A 176 -14.99 -5.86 1.95
N TYR A 177 -14.29 -4.86 1.45
CA TYR A 177 -13.42 -5.06 0.26
C TYR A 177 -12.27 -6.01 0.62
N LEU A 178 -11.62 -5.84 1.77
CA LEU A 178 -10.45 -6.67 2.15
C LEU A 178 -11.00 -8.10 2.28
N GLN A 179 -12.15 -8.26 2.95
CA GLN A 179 -12.73 -9.60 3.17
C GLN A 179 -12.97 -10.26 1.82
N ALA A 180 -13.54 -9.52 0.90
CA ALA A 180 -13.92 -10.04 -0.43
C ALA A 180 -12.68 -10.57 -1.13
N VAL A 181 -11.60 -9.80 -1.09
CA VAL A 181 -10.36 -10.24 -1.79
C VAL A 181 -9.78 -11.45 -1.09
N TYR A 182 -9.78 -11.47 0.24
CA TYR A 182 -9.32 -12.64 1.02
C TYR A 182 -10.12 -13.87 0.64
N ASN A 183 -11.43 -13.71 0.50
CA ASN A 183 -12.34 -14.88 0.29
C ASN A 183 -12.05 -15.38 -1.13
N ARG A 184 -11.68 -14.50 -2.03
CA ARG A 184 -11.51 -14.97 -3.44
C ARG A 184 -10.19 -15.73 -3.60
N TYR A 185 -9.08 -15.30 -3.03
CA TYR A 185 -7.72 -15.79 -3.41
C TYR A 185 -7.04 -16.53 -2.27
N HIS A 186 -7.52 -16.28 -1.05
CA HIS A 186 -7.01 -16.92 0.18
C HIS A 186 -5.51 -16.59 0.30
N ARG A 187 -5.11 -15.39 0.00
CA ARG A 187 -3.73 -14.93 0.30
C ARG A 187 -3.81 -13.87 1.39
N PRO A 188 -2.80 -13.77 2.27
CA PRO A 188 -2.75 -12.68 3.24
C PRO A 188 -2.85 -11.34 2.49
N ILE A 189 -3.46 -10.38 3.17
CA ILE A 189 -3.72 -9.06 2.56
C ILE A 189 -2.80 -8.03 3.20
N TRP A 190 -2.25 -7.16 2.36
CA TRP A 190 -1.67 -5.87 2.78
C TRP A 190 -2.49 -4.73 2.21
N LEU A 191 -2.66 -3.66 3.00
CA LEU A 191 -3.31 -2.46 2.49
C LEU A 191 -2.27 -1.36 2.32
N THR A 192 -1.76 -1.23 1.10
CA THR A 192 -0.54 -0.42 0.88
C THR A 192 -0.78 1.07 0.56
N GLN A 193 -1.96 1.45 0.16
CA GLN A 193 -2.45 2.85 0.03
C GLN A 193 -3.91 2.89 0.50
N TYR A 194 -4.23 3.61 1.57
CA TYR A 194 -5.64 3.85 1.89
C TYR A 194 -5.80 5.21 2.62
N ALA A 195 -6.91 5.81 2.35
CA ALA A 195 -7.35 7.07 2.97
C ALA A 195 -8.84 7.26 2.62
N LEU A 196 -9.46 8.34 3.09
CA LEU A 196 -10.69 8.89 2.51
C LEU A 196 -10.30 9.91 1.43
N THR A 197 -10.68 9.60 0.18
CA THR A 197 -10.58 10.54 -0.93
C THR A 197 -11.63 10.12 -1.94
N ASP A 198 -12.41 11.07 -2.38
CA ASP A 198 -13.39 10.86 -3.48
C ASP A 198 -12.78 11.42 -4.76
N PHE A 199 -12.59 10.55 -5.77
CA PHE A 199 -12.06 11.03 -7.06
C PHE A 199 -13.14 10.98 -8.13
N SER A 200 -14.41 10.90 -7.71
CA SER A 200 -15.56 10.77 -8.67
C SER A 200 -15.85 12.11 -9.36
N GLY A 201 -15.49 13.25 -8.77
CA GLY A 201 -15.71 14.60 -9.33
C GLY A 201 -14.55 15.02 -10.21
N SER A 202 -14.57 16.26 -10.70
CA SER A 202 -13.51 16.77 -11.61
C SER A 202 -12.23 17.06 -10.82
N THR A 203 -12.34 17.37 -9.52
CA THR A 203 -11.23 17.63 -8.59
C THR A 203 -11.43 16.73 -7.37
N PRO A 204 -10.33 16.20 -6.78
CA PRO A 204 -10.47 15.29 -5.65
C PRO A 204 -11.16 15.98 -4.47
N ARG A 205 -11.86 15.20 -3.68
CA ARG A 205 -12.62 15.69 -2.50
CA ARG A 205 -12.66 15.65 -2.51
C ARG A 205 -12.08 14.98 -1.27
N TYR A 206 -11.86 15.74 -0.22
CA TYR A 206 -11.15 15.22 0.98
C TYR A 206 -12.08 15.44 2.17
N PRO A 207 -11.98 14.58 3.19
CA PRO A 207 -12.76 14.76 4.41
C PRO A 207 -12.26 15.97 5.23
N SER A 208 -13.10 16.45 6.12
CA SER A 208 -12.65 17.38 7.17
C SER A 208 -11.57 16.70 8.02
N ALA A 209 -10.75 17.51 8.69
CA ALA A 209 -9.70 17.01 9.61
C ALA A 209 -10.35 16.07 10.63
N ALA A 210 -11.47 16.42 11.21
CA ALA A 210 -12.08 15.61 12.31
C ALA A 210 -12.55 14.28 11.70
N GLU A 211 -13.16 14.36 10.52
CA GLU A 211 -13.63 13.12 9.86
C GLU A 211 -12.41 12.25 9.59
N GLN A 212 -11.33 12.81 9.11
CA GLN A 212 -10.14 12.00 8.75
C GLN A 212 -9.51 11.39 9.99
N ALA A 213 -9.43 12.12 11.10
CA ALA A 213 -8.79 11.56 12.29
C ALA A 213 -9.66 10.40 12.84
N ASP A 214 -10.98 10.56 12.79
CA ASP A 214 -11.93 9.55 13.30
C ASP A 214 -11.78 8.29 12.46
N PHE A 215 -11.65 8.44 11.16
CA PHE A 215 -11.48 7.26 10.30
C PHE A 215 -10.11 6.61 10.57
N VAL A 216 -9.08 7.43 10.79
CA VAL A 216 -7.76 6.83 11.13
C VAL A 216 -7.97 5.93 12.35
N SER A 217 -8.59 6.46 13.39
CA SER A 217 -8.79 5.66 14.62
C SER A 217 -9.60 4.37 14.36
N ARG A 218 -10.76 4.46 13.74
CA ARG A 218 -11.66 3.30 13.54
C ARG A 218 -10.97 2.34 12.57
N SER A 219 -10.34 2.84 11.52
CA SER A 219 -9.85 1.93 10.46
C SER A 219 -8.68 1.12 11.04
N THR A 220 -7.81 1.77 11.80
CA THR A 220 -6.60 1.06 12.34
C THR A 220 -7.05 0.00 13.36
N ALA A 221 -8.01 0.33 14.24
CA ALA A 221 -8.58 -0.64 15.22
C ALA A 221 -9.13 -1.86 14.46
N MET A 222 -9.81 -1.64 13.36
CA MET A 222 -10.37 -2.76 12.56
C MET A 222 -9.20 -3.54 11.97
N LEU A 223 -8.25 -2.86 11.35
CA LEU A 223 -7.18 -3.54 10.63
C LEU A 223 -6.32 -4.36 11.62
N ASN A 224 -6.09 -3.83 12.80
CA ASN A 224 -5.25 -4.51 13.82
C ASN A 224 -5.92 -5.84 14.24
N GLY A 225 -7.25 -5.92 14.21
CA GLY A 225 -8.07 -7.07 14.66
C GLY A 225 -8.37 -8.06 13.55
N LEU A 226 -7.99 -7.79 12.32
CA LEU A 226 -8.34 -8.65 11.17
C LEU A 226 -7.16 -9.56 10.88
N SER A 227 -7.25 -10.84 11.27
CA SER A 227 -6.12 -11.77 11.28
C SER A 227 -5.53 -11.90 9.88
N PHE A 228 -6.29 -11.80 8.79
CA PHE A 228 -5.70 -12.04 7.43
C PHE A 228 -5.05 -10.77 6.85
N VAL A 229 -5.14 -9.63 7.55
CA VAL A 229 -4.38 -8.40 7.18
C VAL A 229 -3.04 -8.43 7.89
N GLU A 230 -1.97 -8.48 7.14
CA GLU A 230 -0.59 -8.57 7.69
C GLU A 230 -0.09 -7.17 7.97
N ARG A 231 -0.35 -6.24 7.08
CA ARG A 231 0.29 -4.90 7.12
C ARG A 231 -0.65 -3.88 6.49
N TYR A 232 -0.48 -2.62 6.87
CA TYR A 232 -1.27 -1.53 6.30
C TYR A 232 -0.45 -0.26 6.30
N ALA A 233 -0.77 0.58 5.36
CA ALA A 233 0.01 1.82 5.14
C ALA A 233 -0.94 2.93 4.74
N TRP A 234 -1.26 3.81 5.66
CA TRP A 234 -1.96 5.08 5.37
C TRP A 234 -1.26 5.85 4.23
N PHE A 235 -2.04 6.39 3.29
CA PHE A 235 -1.54 7.27 2.25
C PHE A 235 -1.76 8.69 2.70
N SER A 236 -0.73 9.40 3.14
CA SER A 236 0.67 9.05 3.16
C SER A 236 1.32 9.76 4.37
N LEU A 237 2.63 9.67 4.58
CA LEU A 237 3.17 10.18 5.86
C LEU A 237 3.09 11.72 5.83
N SER A 238 3.44 12.31 4.69
CA SER A 238 3.58 13.78 4.62
C SER A 238 2.45 14.48 3.87
N THR A 239 2.04 15.65 4.38
CA THR A 239 1.23 16.59 3.58
C THR A 239 1.97 17.09 2.32
N SER A 240 3.29 16.90 2.20
N SER A 240 3.29 16.98 2.25
CA SER A 240 4.08 17.29 0.99
CA SER A 240 4.02 17.36 1.00
C SER A 240 3.86 16.28 -0.11
C SER A 240 3.67 16.36 -0.10
N THR A 241 3.32 15.12 0.27
CA THR A 241 2.92 14.09 -0.73
C THR A 241 1.45 14.26 -1.13
N THR A 242 0.57 14.54 -0.19
CA THR A 242 -0.89 14.49 -0.41
C THR A 242 -1.60 15.28 0.64
N PRO A 243 -2.77 15.90 0.34
CA PRO A 243 -3.52 16.59 1.39
C PRO A 243 -4.02 15.70 2.52
N THR A 244 -4.04 14.38 2.37
CA THR A 244 -4.37 13.39 3.44
C THR A 244 -3.11 12.97 4.21
N GLY A 245 -2.02 13.70 4.12
CA GLY A 245 -0.77 13.50 4.87
C GLY A 245 -0.99 13.60 6.37
N LEU A 246 -0.19 12.83 7.10
CA LEU A 246 -0.32 12.73 8.59
C LEU A 246 0.51 13.79 9.30
N TYR A 247 1.63 14.16 8.69
CA TYR A 247 2.65 15.08 9.25
C TYR A 247 2.86 16.22 8.28
N THR A 248 3.12 17.42 8.82
CA THR A 248 3.77 18.52 8.06
C THR A 248 5.13 18.76 8.69
N GLY A 249 6.20 18.48 7.95
CA GLY A 249 7.57 18.38 8.49
C GLY A 249 7.65 17.35 9.57
N THR A 250 7.96 17.72 10.82
CA THR A 250 7.98 16.70 11.93
C THR A 250 6.74 16.83 12.84
N THR A 251 5.73 17.62 12.48
CA THR A 251 4.57 17.91 13.37
C THR A 251 3.36 17.12 12.89
N PRO A 252 2.87 16.18 13.71
CA PRO A 252 1.68 15.43 13.36
C PRO A 252 0.49 16.36 13.43
N ASN A 253 -0.44 16.23 12.48
CA ASN A 253 -1.81 16.76 12.62
C ASN A 253 -2.67 15.78 13.41
N SER A 254 -3.98 16.02 13.53
CA SER A 254 -4.86 15.17 14.37
C SER A 254 -4.88 13.74 13.80
N SER A 255 -4.72 13.59 12.46
CA SER A 255 -4.59 12.27 11.83
C SER A 255 -3.28 11.60 12.21
N GLY A 256 -2.14 12.29 12.15
CA GLY A 256 -0.85 11.74 12.59
C GLY A 256 -0.94 11.33 14.05
N VAL A 257 -1.53 12.15 14.87
CA VAL A 257 -1.69 11.80 16.31
C VAL A 257 -2.48 10.50 16.43
N ALA A 258 -3.63 10.37 15.73
CA ALA A 258 -4.43 9.12 15.77
C ALA A 258 -3.60 7.98 15.24
N TYR A 259 -2.80 8.17 14.17
CA TYR A 259 -2.06 7.02 13.60
C TYR A 259 -0.98 6.58 14.60
N ARG A 260 -0.31 7.55 15.19
CA ARG A 260 0.71 7.33 16.25
C ARG A 260 0.10 6.45 17.36
N ALA A 261 -1.12 6.69 17.75
CA ALA A 261 -1.80 6.05 18.90
C ALA A 261 -2.30 4.66 18.50
N ALA A 262 -2.31 4.32 17.20
CA ALA A 262 -2.80 3.02 16.74
C ALA A 262 -1.78 1.94 17.15
N GLY A 263 -2.22 0.69 17.23
CA GLY A 263 -1.35 -0.48 17.48
C GLY A 263 -0.27 -0.57 16.42
C2 BGC B . -10.22 3.60 -5.93
C3 BGC B . -9.80 4.49 -7.09
C4 BGC B . -10.50 4.10 -8.37
C5 BGC B . -12.00 3.99 -8.06
C6 BGC B . -12.70 3.29 -9.17
C1 BGC B . -11.79 3.53 -5.71
O1 BGC B . -12.07 2.59 -4.63
O2 BGC B . -9.63 3.80 -4.66
O3 BGC B . -8.37 4.38 -7.39
O4 BGC B . -10.17 4.85 -9.58
O5 BGC B . -12.24 3.09 -7.00
O6 BGC B . -12.08 3.37 -10.48
C2 BGC B . -6.25 5.43 -7.41
C3 BGC B . -5.53 6.76 -7.45
C4 BGC B . -6.05 7.63 -8.60
C5 BGC B . -7.60 7.74 -8.57
C6 BGC B . -8.15 8.56 -9.70
C1 BGC B . -7.77 5.66 -7.40
O2 BGC B . -5.73 4.73 -6.31
O3 BGC B . -4.09 6.60 -7.61
O4 BGC B . -5.55 8.96 -8.52
O5 BGC B . -8.13 6.42 -8.54
O6 BGC B . -7.71 8.02 -10.93
C2 BGC B . -1.90 6.84 -7.00
C3 BGC B . -0.75 7.62 -6.37
C4 BGC B . -1.09 9.14 -6.41
C5 BGC B . -2.53 9.27 -5.91
C6 BGC B . -3.05 10.67 -5.86
C1 BGC B . -3.31 7.20 -6.60
O2 BGC B . -1.61 5.42 -6.85
O3 BGC B . 0.42 7.45 -7.13
O4 BGC B . -0.39 9.92 -5.47
O5 BGC B . -3.41 8.60 -6.77
O6 BGC B . -2.86 11.48 -7.08
C2 BGC B . 2.75 7.10 -7.52
C3 BGC B . 4.20 7.33 -7.02
C4 BGC B . 4.26 8.58 -6.12
C5 BGC B . 3.19 8.44 -5.06
C6 BGC B . 3.10 9.62 -4.14
C1 BGC B . 1.70 7.21 -6.49
O2 BGC B . 2.65 5.71 -8.05
O3 BGC B . 5.02 7.53 -8.19
O4 BGC B . 5.43 8.48 -5.42
O5 BGC B . 1.95 8.41 -5.69
O6 BGC B . 3.04 10.78 -5.02
C2 BGC B . 6.74 6.86 -9.63
C3 BGC B . 8.07 6.13 -9.75
C4 BGC B . 9.02 6.57 -8.68
C5 BGC B . 8.29 6.49 -7.30
C6 BGC B . 9.23 7.06 -6.26
C1 BGC B . 6.14 6.70 -8.28
O2 BGC B . 5.87 6.34 -10.64
O3 BGC B . 8.68 6.31 -11.05
O4 BGC B . 10.12 5.68 -8.63
O5 BGC B . 7.06 7.19 -7.32
O6 BGC B . 9.42 8.45 -6.53
C2 BGC B . 8.15 6.11 -13.33
C3 BGC B . 8.11 5.08 -14.47
C4 BGC B . 9.45 4.34 -14.51
C5 BGC B . 9.70 3.67 -13.21
C6 BGC B . 11.04 2.93 -13.09
C1 BGC B . 8.44 5.36 -12.04
O2 BGC B . 6.88 6.73 -13.21
O3 BGC B . 7.96 5.80 -15.68
O4 BGC B . 9.52 3.45 -15.63
O5 BGC B . 9.67 4.70 -12.19
O6 BGC B . 11.16 2.36 -11.80
#